data_6NEF
#
_entry.id   6NEF
#
_cell.length_a   1
_cell.length_b   1
_cell.length_c   1
_cell.angle_alpha   90.00
_cell.angle_beta   90.00
_cell.angle_gamma   90.00
#
_symmetry.space_group_name_H-M   'P 1'
#
loop_
_entity.id
_entity.type
_entity.pdbx_description
1 polymer 'C-type cytochrome OmcS'
2 non-polymer 'HEME C'
3 non-polymer 'MAGNESIUM ION'
#
_entity_poly.entity_id   1
_entity_poly.type   'polypeptide(L)'
_entity_poly.pdbx_seq_one_letter_code
;FHSGGVAECEGCHTMHNSLGGAVMNSATAQFTTGPMLLQGATQSSSCLNCHQHAGDTGPSSYHISTAEADMPAGTAPLQM
TPGGDFGWVKKTYTWNVRGLNTSEGERKGHNIVAGDYNYVADTTLTTAPGGTYPANQLHCSSCHDPHGKYRRFVDGSIAT
TGLPIKNSGSYQNSNDPTAWGAVGAYRILGGTGYQPKSLSGSYAFANQVPAAVAPSTYNRTEATTQTRVAYGQGMSEWCA
NCHTDIHNSAYPTNLRHPAGNGAKFGATIAGLYNSYKKSGDLTGTQASAYLSLAPFEEGTADYTVLKGHAKIDDTALTGA
DATSNVNCLSCHRAHASGFDSMTRFNLAYEFTTIADASGNSIYGTDPNTSSLQGRSVNEMTAAYYGRTADKFAPYQRALC
NKCHAKD
;
_entity_poly.pdbx_strand_id   A
#
loop_
_chem_comp.id
_chem_comp.type
_chem_comp.name
_chem_comp.formula
HEC non-polymer 'HEME C' 'C34 H34 Fe N4 O4'
MG non-polymer 'MAGNESIUM ION' 'Mg 2'
#
# COMPACT_ATOMS: atom_id res chain seq x y z
N PHE A 1 -11.11 14.79 -9.90
CA PHE A 1 -9.99 15.73 -9.92
C PHE A 1 -8.87 15.15 -10.86
N HIS A 2 -7.92 14.32 -10.41
CA HIS A 2 -7.01 13.64 -11.34
C HIS A 2 -7.83 12.63 -12.12
N SER A 3 -8.43 12.98 -13.24
CA SER A 3 -9.15 11.92 -13.93
C SER A 3 -8.18 11.26 -14.88
N GLY A 4 -7.41 10.35 -14.29
CA GLY A 4 -6.29 9.71 -14.94
C GLY A 4 -5.21 10.69 -15.37
N GLY A 5 -5.42 12.00 -15.18
CA GLY A 5 -4.52 12.96 -15.79
C GLY A 5 -4.33 14.27 -15.07
N VAL A 6 -3.88 15.25 -15.84
CA VAL A 6 -3.49 16.55 -15.34
C VAL A 6 -4.74 17.31 -14.93
N ALA A 7 -4.99 17.38 -13.63
CA ALA A 7 -6.29 17.81 -13.17
C ALA A 7 -6.66 19.27 -13.48
N GLU A 8 -6.15 20.22 -12.70
CA GLU A 8 -6.83 21.51 -12.62
C GLU A 8 -5.86 22.64 -12.29
N CYS A 9 -4.75 22.73 -13.01
CA CYS A 9 -3.47 23.11 -12.39
C CYS A 9 -3.57 23.90 -11.11
N GLU A 10 -4.35 24.97 -11.14
CA GLU A 10 -4.53 25.79 -9.95
C GLU A 10 -4.87 25.00 -8.68
N GLY A 11 -5.47 23.81 -8.79
CA GLY A 11 -5.71 23.03 -7.58
C GLY A 11 -4.46 22.83 -6.73
N CYS A 12 -3.28 22.83 -7.36
CA CYS A 12 -2.03 22.59 -6.64
C CYS A 12 -1.03 23.74 -6.73
N HIS A 13 -1.15 24.61 -7.71
CA HIS A 13 -0.27 25.75 -7.89
C HIS A 13 -1.03 27.04 -7.75
N THR A 14 -0.38 28.04 -7.17
CA THR A 14 -0.76 29.43 -7.33
C THR A 14 0.33 30.12 -8.15
N MET A 15 -0.07 30.97 -9.10
CA MET A 15 0.93 31.67 -9.91
C MET A 15 1.47 32.92 -9.20
N HIS A 16 0.61 33.58 -8.43
CA HIS A 16 0.91 34.47 -7.35
C HIS A 16 0.29 33.86 -6.12
N ASN A 17 0.25 34.60 -5.04
CA ASN A 17 -0.54 34.05 -3.93
C ASN A 17 -1.68 34.95 -3.46
N SER A 18 -2.59 35.31 -4.35
CA SER A 18 -3.67 36.22 -3.98
C SER A 18 -4.92 35.75 -4.71
N LEU A 19 -5.84 35.09 -4.00
CA LEU A 19 -7.08 34.67 -4.64
C LEU A 19 -8.21 35.63 -4.29
N GLY A 20 -8.07 36.82 -4.82
CA GLY A 20 -8.78 37.92 -4.26
C GLY A 20 -8.12 38.13 -2.93
N GLY A 21 -8.81 38.87 -2.08
CA GLY A 21 -8.44 38.94 -0.68
C GLY A 21 -6.95 38.90 -0.47
N ALA A 22 -6.57 37.82 0.22
CA ALA A 22 -5.26 37.48 0.73
C ALA A 22 -4.83 36.10 0.19
N VAL A 23 -3.73 35.59 0.76
CA VAL A 23 -3.03 34.41 0.24
C VAL A 23 -3.94 33.17 0.14
N MET A 24 -3.52 32.20 -0.71
CA MET A 24 -4.19 30.90 -0.87
C MET A 24 -3.61 29.76 -0.03
N ASN A 25 -2.31 29.77 0.26
CA ASN A 25 -1.67 28.79 1.14
C ASN A 25 -1.04 29.47 2.36
N SER A 26 -1.49 29.08 3.55
CA SER A 26 -1.04 29.73 4.79
C SER A 26 0.31 29.20 5.24
N ALA A 27 1.27 29.19 4.33
CA ALA A 27 2.64 28.77 4.62
C ALA A 27 3.62 29.71 3.95
N THR A 28 3.20 30.95 3.76
CA THR A 28 4.04 31.97 3.16
C THR A 28 3.26 33.29 3.10
N ALA A 29 3.88 34.34 2.57
CA ALA A 29 3.29 35.68 2.55
C ALA A 29 2.51 35.91 1.26
N GLN A 30 2.10 37.16 1.02
CA GLN A 30 1.19 37.48 -0.08
C GLN A 30 1.69 37.00 -1.43
N PHE A 31 2.92 37.33 -1.80
CA PHE A 31 3.34 37.12 -3.17
C PHE A 31 4.56 36.25 -3.31
N THR A 32 4.70 35.24 -2.43
CA THR A 32 5.73 34.19 -2.53
C THR A 32 5.06 32.81 -2.66
N THR A 33 5.87 31.79 -2.96
CA THR A 33 5.33 30.45 -3.24
C THR A 33 6.28 29.36 -2.75
N GLY A 34 5.81 28.10 -2.84
CA GLY A 34 6.59 26.93 -2.51
C GLY A 34 7.74 26.67 -3.48
N PRO A 35 8.41 25.53 -3.30
CA PRO A 35 9.68 25.29 -4.04
C PRO A 35 9.52 25.37 -5.55
N MET A 36 8.55 24.64 -6.09
CA MET A 36 7.99 24.97 -7.38
C MET A 36 6.78 25.85 -7.16
N LEU A 37 6.15 26.16 -8.22
CA LEU A 37 5.10 27.16 -8.05
C LEU A 37 3.93 26.64 -7.36
N LEU A 38 4.02 25.43 -6.83
CA LEU A 38 2.90 24.86 -6.11
C LEU A 38 2.78 25.48 -4.71
N GLN A 39 1.75 25.08 -3.99
CA GLN A 39 1.33 25.75 -2.77
C GLN A 39 1.47 24.76 -1.62
N GLY A 40 2.64 24.81 -1.01
CA GLY A 40 2.91 24.10 0.23
C GLY A 40 4.35 24.37 0.61
N ALA A 41 4.69 24.02 1.85
CA ALA A 41 6.09 24.11 2.23
C ALA A 41 6.96 23.20 1.34
N THR A 42 6.50 21.99 1.04
CA THR A 42 7.24 21.09 0.17
C THR A 42 6.37 20.37 -0.86
N GLN A 43 7.07 19.71 -1.80
CA GLN A 43 6.49 19.16 -3.05
C GLN A 43 5.47 18.07 -2.74
N SER A 44 5.22 17.82 -1.44
CA SER A 44 4.43 16.69 -0.94
C SER A 44 3.54 17.18 0.19
N SER A 45 3.50 18.48 0.41
CA SER A 45 2.55 19.03 1.32
C SER A 45 1.36 19.53 0.53
N SER A 46 1.41 19.38 -0.78
CA SER A 46 0.31 19.77 -1.60
C SER A 46 -0.72 18.67 -1.71
N CYS A 47 -0.33 17.43 -1.45
CA CYS A 47 -1.31 16.39 -1.53
C CYS A 47 -1.97 16.14 -0.19
N LEU A 48 -1.24 16.37 0.90
CA LEU A 48 -1.82 16.32 2.24
C LEU A 48 -2.75 17.47 2.51
N ASN A 49 -2.72 18.48 1.65
CA ASN A 49 -3.66 19.58 1.75
C ASN A 49 -5.10 19.12 1.43
N CYS A 50 -5.28 17.97 0.74
CA CYS A 50 -6.60 17.38 0.47
C CYS A 50 -6.76 15.94 0.88
N HIS A 51 -5.68 15.18 1.09
CA HIS A 51 -5.79 13.78 1.49
C HIS A 51 -5.62 13.57 2.97
N GLN A 52 -5.58 14.64 3.75
CA GLN A 52 -5.67 14.59 5.21
C GLN A 52 -6.79 15.54 5.61
N HIS A 53 -7.94 14.96 5.93
CA HIS A 53 -9.06 15.76 6.39
C HIS A 53 -8.84 16.22 7.83
N ALA A 54 -9.66 17.17 8.27
CA ALA A 54 -9.35 17.81 9.55
C ALA A 54 -9.83 16.92 10.69
N GLY A 55 -11.15 16.81 10.85
CA GLY A 55 -11.74 15.90 11.82
C GLY A 55 -12.52 14.82 11.11
N ASP A 56 -11.95 13.61 11.08
CA ASP A 56 -12.65 12.43 10.58
C ASP A 56 -13.12 11.58 11.75
N THR A 57 -14.13 10.75 11.47
CA THR A 57 -14.55 9.73 12.41
C THR A 57 -14.12 8.36 11.88
N GLY A 58 -14.57 7.99 10.70
CA GLY A 58 -14.21 6.70 10.17
C GLY A 58 -13.59 6.76 8.80
N PRO A 59 -13.08 5.63 8.32
CA PRO A 59 -12.53 5.58 6.96
C PRO A 59 -13.58 5.93 5.93
N SER A 60 -13.20 6.82 5.02
CA SER A 60 -14.02 7.32 3.94
C SER A 60 -13.43 6.87 2.60
N SER A 61 -13.87 7.51 1.53
CA SER A 61 -13.20 7.48 0.22
C SER A 61 -11.74 7.87 0.42
N TYR A 62 -11.05 8.36 -0.60
CA TYR A 62 -9.62 8.68 -0.45
C TYR A 62 -9.47 9.52 0.82
N HIS A 63 -8.30 10.11 1.08
CA HIS A 63 -7.90 10.49 2.45
C HIS A 63 -7.16 9.30 3.02
N ILE A 64 -6.03 9.01 2.40
CA ILE A 64 -5.09 8.06 2.95
C ILE A 64 -4.07 8.82 3.81
N SER A 65 -4.54 9.41 4.89
CA SER A 65 -3.75 9.77 6.06
C SER A 65 -4.70 10.40 7.07
N THR A 66 -4.71 9.94 8.31
CA THR A 66 -5.59 10.55 9.31
C THR A 66 -4.74 11.35 10.28
N ALA A 67 -5.25 12.51 10.67
CA ALA A 67 -4.45 13.46 11.43
C ALA A 67 -4.04 12.86 12.77
N GLU A 68 -3.16 13.59 13.45
CA GLU A 68 -2.68 13.18 14.76
C GLU A 68 -3.40 13.88 15.89
N ALA A 69 -3.95 15.06 15.64
CA ALA A 69 -4.88 15.64 16.58
C ALA A 69 -6.09 14.74 16.81
N ASP A 70 -6.45 13.94 15.81
CA ASP A 70 -7.57 13.01 15.92
C ASP A 70 -7.22 11.80 16.78
N MET A 71 -6.30 10.94 16.34
CA MET A 71 -5.98 9.76 17.13
C MET A 71 -5.26 10.14 18.42
N PRO A 72 -5.96 10.20 19.57
CA PRO A 72 -5.39 10.97 20.68
C PRO A 72 -4.02 10.46 21.10
N ALA A 73 -3.92 9.29 21.75
CA ALA A 73 -2.63 8.65 21.91
C ALA A 73 -2.70 7.15 21.62
N GLY A 74 -3.66 6.49 22.27
CA GLY A 74 -3.71 5.04 22.25
C GLY A 74 -4.72 4.52 21.23
N THR A 75 -4.71 5.12 20.04
CA THR A 75 -5.64 4.74 18.98
C THR A 75 -4.88 4.54 17.67
N ALA A 76 -5.62 4.13 16.65
CA ALA A 76 -4.99 3.66 15.44
C ALA A 76 -5.45 4.46 14.22
N PRO A 77 -4.53 4.86 13.34
CA PRO A 77 -4.95 5.56 12.12
C PRO A 77 -6.12 4.88 11.42
N LEU A 78 -7.08 5.69 10.97
CA LEU A 78 -8.41 5.19 10.60
C LEU A 78 -8.63 5.10 9.10
N GLN A 79 -7.67 4.64 8.31
CA GLN A 79 -7.82 4.65 6.85
C GLN A 79 -7.39 3.30 6.35
N MET A 80 -8.37 2.44 6.17
CA MET A 80 -8.18 1.05 5.76
C MET A 80 -8.18 0.91 4.22
N THR A 81 -7.09 1.36 3.61
CA THR A 81 -6.92 1.21 2.16
C THR A 81 -5.82 0.20 1.84
N PRO A 82 -5.75 -0.27 0.60
CA PRO A 82 -4.77 -1.29 0.21
C PRO A 82 -3.33 -0.77 0.13
N GLY A 83 -3.09 0.52 0.28
CA GLY A 83 -1.73 0.99 0.36
C GLY A 83 -1.32 1.10 1.81
N GLY A 84 -2.13 1.79 2.61
CA GLY A 84 -1.90 1.93 4.04
C GLY A 84 -2.21 3.33 4.50
N ASP A 85 -2.06 3.62 5.79
CA ASP A 85 -2.39 4.93 6.36
C ASP A 85 -1.12 5.51 6.96
N PHE A 86 -0.59 6.59 6.38
CA PHE A 86 0.70 7.06 6.87
C PHE A 86 0.72 7.42 8.34
N GLY A 87 -0.46 7.64 8.96
CA GLY A 87 -0.60 7.96 10.38
C GLY A 87 0.28 7.06 11.24
N TRP A 88 0.64 5.90 10.69
CA TRP A 88 1.40 4.91 11.43
C TRP A 88 2.78 5.44 11.76
N VAL A 89 3.46 6.05 10.80
CA VAL A 89 4.87 6.38 10.93
C VAL A 89 5.15 7.02 12.28
N LYS A 90 4.30 7.96 12.68
CA LYS A 90 4.42 8.59 14.00
C LYS A 90 3.74 7.74 15.11
N LYS A 91 4.25 6.52 15.34
CA LYS A 91 3.70 5.61 16.37
C LYS A 91 4.82 4.74 16.94
N THR A 92 5.44 5.20 18.02
CA THR A 92 6.42 4.37 18.71
C THR A 92 5.74 3.45 19.72
N TYR A 93 6.45 2.38 20.10
CA TYR A 93 5.92 1.42 21.04
C TYR A 93 7.00 0.95 21.98
N THR A 94 6.66 0.82 23.27
CA THR A 94 7.57 0.28 24.26
C THR A 94 6.84 -0.81 25.04
N TRP A 95 7.62 -1.78 25.55
CA TRP A 95 7.12 -2.79 26.47
C TRP A 95 8.31 -3.57 27.06
N ASN A 96 8.14 -4.10 28.29
CA ASN A 96 9.14 -4.94 28.96
C ASN A 96 8.66 -6.37 29.21
N VAL A 97 9.54 -7.33 28.95
CA VAL A 97 9.25 -8.72 29.25
C VAL A 97 10.43 -9.25 30.05
N ARG A 98 11.61 -9.09 29.45
CA ARG A 98 12.86 -9.44 30.09
C ARG A 98 13.92 -8.44 29.70
N GLY A 99 13.51 -7.20 29.50
CA GLY A 99 14.37 -6.14 29.05
C GLY A 99 13.47 -5.03 28.57
N LEU A 100 13.94 -4.26 27.60
CA LEU A 100 13.23 -3.08 27.13
C LEU A 100 13.15 -3.30 25.62
N ASN A 101 12.02 -3.83 25.17
CA ASN A 101 11.75 -3.88 23.74
C ASN A 101 11.19 -2.55 23.28
N THR A 102 11.52 -2.15 22.05
CA THR A 102 10.98 -0.89 21.53
C THR A 102 10.95 -0.96 20.01
N SER A 103 9.76 -1.21 19.46
CA SER A 103 9.50 -1.10 18.03
C SER A 103 9.31 0.36 17.63
N GLU A 104 10.27 0.90 16.87
CA GLU A 104 10.24 2.30 16.48
C GLU A 104 9.03 2.61 15.60
N GLY A 105 8.87 3.89 15.25
CA GLY A 105 7.76 4.29 14.40
C GLY A 105 8.22 4.45 12.98
N GLU A 106 9.40 5.05 12.78
CA GLU A 106 9.86 5.37 11.42
C GLU A 106 10.33 4.13 10.66
N ARG A 107 10.10 2.91 11.17
CA ARG A 107 10.37 1.72 10.39
C ARG A 107 9.14 1.14 9.70
N LYS A 108 7.95 1.48 10.15
CA LYS A 108 6.67 1.06 9.56
C LYS A 108 6.29 2.02 8.42
N GLY A 109 6.65 1.72 7.17
CA GLY A 109 6.23 2.53 6.03
C GLY A 109 7.31 3.51 5.54
N HIS A 110 7.11 4.03 4.33
CA HIS A 110 8.00 5.04 3.74
C HIS A 110 7.79 6.39 4.38
N ASN A 111 8.89 7.05 4.69
CA ASN A 111 8.78 8.39 5.24
C ASN A 111 8.76 9.36 4.06
N ILE A 112 7.74 10.17 4.01
CA ILE A 112 7.70 11.34 3.15
C ILE A 112 8.07 12.56 4.00
N VAL A 113 8.84 13.48 3.44
CA VAL A 113 9.33 14.63 4.18
C VAL A 113 8.34 15.75 3.94
N ALA A 114 7.48 15.99 4.91
CA ALA A 114 6.43 16.99 4.76
C ALA A 114 6.56 18.06 5.83
N GLY A 115 7.76 18.62 5.98
CA GLY A 115 8.10 19.46 7.12
C GLY A 115 6.99 20.40 7.59
N ASP A 116 6.04 20.71 6.69
CA ASP A 116 4.83 21.46 7.02
C ASP A 116 3.99 20.77 8.10
N TYR A 117 3.99 19.44 8.13
CA TYR A 117 3.44 18.67 9.23
C TYR A 117 4.56 18.12 10.09
N ASN A 118 4.23 17.15 10.93
CA ASN A 118 5.24 16.55 11.77
C ASN A 118 5.86 15.33 11.13
N TYR A 119 5.88 15.31 9.79
CA TYR A 119 6.52 14.26 9.03
C TYR A 119 8.00 14.55 8.79
N VAL A 120 8.87 13.73 9.36
CA VAL A 120 10.33 13.85 9.28
C VAL A 120 10.86 12.75 8.37
N ALA A 121 12.00 13.00 7.71
CA ALA A 121 12.62 11.97 6.87
C ALA A 121 13.30 10.93 7.74
N ASP A 122 13.63 9.78 7.14
CA ASP A 122 14.15 8.66 7.92
C ASP A 122 15.58 8.95 8.36
N THR A 123 16.01 8.27 9.41
CA THR A 123 17.34 8.44 9.97
C THR A 123 18.23 7.23 9.70
N THR A 124 17.77 6.05 10.14
CA THR A 124 18.51 4.79 10.00
C THR A 124 18.82 4.46 8.54
N LEU A 125 17.80 4.59 7.69
CA LEU A 125 17.87 4.31 6.25
C LEU A 125 18.08 5.63 5.51
N THR A 126 19.34 5.94 5.24
CA THR A 126 19.68 7.16 4.52
C THR A 126 19.48 7.00 3.03
N THR A 127 19.62 5.79 2.51
CA THR A 127 19.21 5.53 1.14
C THR A 127 18.25 4.33 1.13
N ALA A 128 17.95 3.85 -0.07
CA ALA A 128 17.02 2.73 -0.22
C ALA A 128 17.77 1.42 -0.24
N PRO A 129 17.25 0.37 0.37
CA PRO A 129 18.08 -0.82 0.52
C PRO A 129 18.54 -1.37 -0.80
N GLY A 130 17.72 -1.37 -1.81
CA GLY A 130 18.17 -2.00 -3.05
C GLY A 130 19.23 -1.15 -3.77
N GLY A 131 18.90 -0.52 -4.91
CA GLY A 131 19.72 0.54 -5.51
C GLY A 131 19.91 1.68 -4.53
N THR A 132 20.12 2.95 -4.95
CA THR A 132 20.54 3.97 -3.97
C THR A 132 19.63 5.20 -3.81
N TYR A 133 18.45 5.27 -4.50
CA TYR A 133 17.57 6.45 -4.48
C TYR A 133 17.47 7.17 -3.12
N PRO A 134 17.78 8.48 -3.01
CA PRO A 134 17.96 9.12 -1.69
C PRO A 134 16.67 9.40 -0.93
N ALA A 135 16.75 9.24 0.40
CA ALA A 135 15.59 9.00 1.25
C ALA A 135 15.25 10.21 2.11
N ASN A 136 15.78 11.36 1.73
CA ASN A 136 15.35 12.65 2.23
C ASN A 136 14.56 13.40 1.17
N GLN A 137 14.72 12.98 -0.08
CA GLN A 137 13.87 13.46 -1.17
C GLN A 137 12.90 12.34 -1.55
N LEU A 138 11.98 12.07 -0.65
CA LEU A 138 10.99 11.02 -0.89
C LEU A 138 9.66 11.69 -0.72
N HIS A 139 9.15 12.17 -1.84
CA HIS A 139 7.85 12.80 -1.87
C HIS A 139 6.80 11.92 -2.55
N CYS A 140 5.51 12.21 -2.28
CA CYS A 140 4.43 11.48 -2.96
C CYS A 140 4.60 11.49 -4.47
N SER A 141 5.15 12.59 -5.00
CA SER A 141 5.36 12.81 -6.42
C SER A 141 6.52 12.00 -6.97
N SER A 142 7.22 11.22 -6.12
CA SER A 142 8.32 10.38 -6.59
C SER A 142 7.82 9.09 -7.25
N CYS A 143 6.84 8.43 -6.61
CA CYS A 143 6.20 7.24 -7.12
C CYS A 143 4.99 7.62 -7.95
N HIS A 144 4.31 8.68 -7.57
CA HIS A 144 3.14 9.11 -8.28
C HIS A 144 3.51 10.27 -9.18
N ASP A 145 3.03 10.24 -10.43
CA ASP A 145 3.33 11.24 -11.47
C ASP A 145 2.21 12.27 -11.60
N PRO A 146 2.33 13.47 -10.99
CA PRO A 146 1.10 14.27 -10.81
C PRO A 146 0.41 14.56 -12.13
N HIS A 147 1.20 14.95 -13.14
CA HIS A 147 0.73 15.19 -14.49
C HIS A 147 0.68 13.84 -15.17
N GLY A 148 -0.46 13.17 -15.04
CA GLY A 148 -0.52 11.81 -15.52
C GLY A 148 -0.16 11.67 -16.96
N LYS A 149 1.06 11.20 -17.23
CA LYS A 149 1.40 11.06 -18.63
C LYS A 149 1.07 9.67 -19.15
N TYR A 150 1.24 8.63 -18.34
CA TYR A 150 1.26 7.25 -18.85
C TYR A 150 -0.13 6.68 -19.13
N ARG A 151 -0.35 6.30 -20.39
CA ARG A 151 -1.67 5.98 -20.88
C ARG A 151 -1.77 4.54 -21.29
N ARG A 152 -2.96 3.95 -21.12
CA ARG A 152 -3.25 2.65 -21.68
C ARG A 152 -4.19 2.82 -22.86
N PHE A 153 -3.77 2.33 -24.04
CA PHE A 153 -4.56 2.38 -25.26
C PHE A 153 -5.48 1.18 -25.29
N VAL A 154 -6.04 0.86 -26.46
CA VAL A 154 -6.96 -0.27 -26.54
C VAL A 154 -6.25 -1.57 -26.90
N ASP A 155 -5.09 -1.49 -27.56
CA ASP A 155 -4.25 -2.66 -27.84
C ASP A 155 -3.52 -3.15 -26.60
N GLY A 156 -3.74 -2.51 -25.44
CA GLY A 156 -3.06 -2.80 -24.18
C GLY A 156 -1.67 -2.19 -24.05
N SER A 157 -1.16 -1.55 -25.10
CA SER A 157 0.14 -0.91 -25.02
C SER A 157 0.10 0.29 -24.08
N ILE A 158 1.27 0.62 -23.52
CA ILE A 158 1.41 1.74 -22.61
C ILE A 158 2.40 2.71 -23.25
N ALA A 159 2.04 3.99 -23.29
CA ALA A 159 2.99 5.03 -23.69
C ALA A 159 2.78 6.24 -22.79
N THR A 160 3.59 7.26 -23.05
CA THR A 160 3.49 8.53 -22.33
C THR A 160 2.93 9.64 -23.19
N THR A 161 2.38 9.33 -24.36
CA THR A 161 1.75 10.36 -25.17
C THR A 161 1.20 9.78 -26.48
N GLY A 162 0.23 10.46 -27.07
CA GLY A 162 -0.26 10.10 -28.38
C GLY A 162 -1.75 10.28 -28.60
N LEU A 163 -2.54 10.13 -27.56
CA LEU A 163 -3.99 10.36 -27.65
C LEU A 163 -4.45 11.02 -26.35
N PRO A 164 -5.66 11.56 -26.32
CA PRO A 164 -6.16 12.17 -25.09
C PRO A 164 -6.57 11.15 -24.06
N ILE A 165 -6.62 11.60 -22.81
CA ILE A 165 -7.17 10.78 -21.72
C ILE A 165 -8.64 11.12 -21.49
N LYS A 166 -9.37 10.10 -21.04
CA LYS A 166 -10.82 10.13 -20.88
C LYS A 166 -11.27 9.74 -19.47
N ASN A 167 -10.42 9.09 -18.69
CA ASN A 167 -10.93 8.52 -17.46
C ASN A 167 -9.75 7.90 -16.70
N SER A 168 -10.00 7.50 -15.46
CA SER A 168 -8.99 6.87 -14.61
C SER A 168 -8.48 5.54 -15.18
N GLY A 169 -9.37 4.65 -15.59
CA GLY A 169 -8.92 3.37 -16.11
C GLY A 169 -8.36 2.43 -15.06
N SER A 170 -8.68 2.66 -13.78
CA SER A 170 -8.08 1.90 -12.69
C SER A 170 -9.13 1.36 -11.73
N TYR A 171 -10.26 0.88 -12.24
CA TYR A 171 -11.35 0.40 -11.37
C TYR A 171 -12.05 -0.75 -12.06
N GLN A 172 -13.14 -1.20 -11.46
CA GLN A 172 -14.06 -2.08 -12.16
C GLN A 172 -15.09 -1.33 -13.02
N ASN A 173 -15.54 -0.14 -12.58
CA ASN A 173 -16.49 0.68 -13.34
C ASN A 173 -15.85 1.37 -14.52
N SER A 174 -14.53 1.59 -14.45
CA SER A 174 -13.77 2.39 -15.40
C SER A 174 -13.97 1.94 -16.83
N ASN A 175 -14.58 2.81 -17.66
CA ASN A 175 -14.96 2.44 -19.03
C ASN A 175 -13.70 2.27 -19.88
N ASP A 176 -13.56 1.08 -20.47
CA ASP A 176 -12.36 0.65 -21.17
C ASP A 176 -11.98 1.69 -22.22
N PRO A 177 -10.73 1.75 -22.66
CA PRO A 177 -10.38 2.75 -23.68
C PRO A 177 -11.03 2.43 -25.02
N THR A 178 -11.04 3.43 -25.91
CA THR A 178 -11.60 3.32 -27.26
C THR A 178 -10.57 3.83 -28.25
N ALA A 179 -10.90 3.74 -29.55
CA ALA A 179 -9.94 4.05 -30.61
C ALA A 179 -9.48 5.50 -30.61
N TRP A 180 -10.20 6.39 -29.92
CA TRP A 180 -9.98 7.85 -29.89
C TRP A 180 -9.71 8.34 -28.46
N GLY A 181 -8.47 8.22 -27.99
CA GLY A 181 -8.17 8.62 -26.61
C GLY A 181 -8.07 7.44 -25.66
N ALA A 182 -7.11 7.46 -24.73
CA ALA A 182 -6.80 6.35 -23.84
C ALA A 182 -7.29 6.62 -22.42
N VAL A 183 -6.96 5.72 -21.50
CA VAL A 183 -7.22 5.93 -20.08
C VAL A 183 -5.92 5.88 -19.28
N GLY A 184 -5.98 6.16 -17.99
CA GLY A 184 -4.79 6.30 -17.20
C GLY A 184 -4.39 5.05 -16.43
N ALA A 185 -3.09 4.97 -16.15
CA ALA A 185 -2.48 3.81 -15.50
C ALA A 185 -2.95 3.62 -14.06
N TYR A 186 -2.67 2.42 -13.54
CA TYR A 186 -3.39 1.84 -12.41
C TYR A 186 -3.59 2.82 -11.25
N ARG A 187 -2.53 3.42 -10.81
CA ARG A 187 -2.66 4.72 -10.16
C ARG A 187 -1.79 5.61 -10.95
N ILE A 188 -1.79 6.86 -10.59
CA ILE A 188 -1.20 7.73 -11.59
C ILE A 188 0.31 7.53 -11.57
N LEU A 189 0.78 6.63 -10.69
CA LEU A 189 2.20 6.40 -10.49
C LEU A 189 2.95 6.25 -11.82
N GLY A 190 4.18 6.79 -11.85
CA GLY A 190 4.89 7.00 -13.11
C GLY A 190 5.61 5.75 -13.61
N GLY A 191 5.55 5.55 -14.94
CA GLY A 191 6.22 4.47 -15.65
C GLY A 191 7.67 4.79 -15.98
N THR A 192 8.05 4.47 -17.22
CA THR A 192 9.46 4.34 -17.61
C THR A 192 10.14 5.68 -17.86
N GLY A 193 11.23 5.95 -17.13
CA GLY A 193 11.96 7.19 -17.29
C GLY A 193 11.41 8.33 -16.50
N TYR A 194 10.52 8.10 -15.53
CA TYR A 194 9.89 9.21 -14.81
C TYR A 194 10.77 9.77 -13.68
N GLN A 195 11.86 10.44 -14.06
CA GLN A 195 12.59 11.20 -13.03
C GLN A 195 11.90 12.55 -12.83
N PRO A 196 11.64 12.97 -11.59
CA PRO A 196 11.09 14.32 -11.38
C PRO A 196 12.18 15.37 -11.43
N LYS A 197 11.92 16.47 -12.14
CA LYS A 197 13.03 17.33 -12.53
C LYS A 197 13.66 18.06 -11.34
N SER A 198 12.92 18.21 -10.23
CA SER A 198 13.50 18.75 -8.98
C SER A 198 14.70 17.94 -8.52
N LEU A 199 14.52 16.64 -8.35
CA LEU A 199 15.63 15.73 -8.12
C LEU A 199 16.62 15.82 -9.27
N SER A 200 17.89 15.67 -8.95
CA SER A 200 18.95 15.83 -9.96
C SER A 200 20.07 14.85 -9.69
N GLY A 201 20.33 14.01 -10.69
CA GLY A 201 21.26 12.92 -10.57
C GLY A 201 21.07 11.91 -11.69
N SER A 202 21.11 10.62 -11.35
CA SER A 202 21.02 9.58 -12.34
C SER A 202 19.80 8.69 -12.14
N TYR A 203 19.03 8.93 -11.08
CA TYR A 203 17.96 8.03 -10.66
C TYR A 203 16.78 8.21 -11.60
N ALA A 204 16.52 7.21 -12.43
CA ALA A 204 15.54 7.35 -13.52
C ALA A 204 14.91 6.00 -13.77
N PHE A 205 13.59 5.93 -13.64
CA PHE A 205 12.92 4.63 -13.65
C PHE A 205 13.26 3.82 -14.88
N ALA A 206 13.04 2.51 -14.81
CA ALA A 206 13.31 1.62 -15.92
C ALA A 206 12.19 0.64 -16.24
N ASN A 207 11.24 0.41 -15.36
CA ASN A 207 10.20 -0.59 -15.61
C ASN A 207 8.84 0.08 -15.65
N GLN A 208 7.87 -0.64 -16.22
CA GLN A 208 6.58 -0.07 -16.58
C GLN A 208 5.54 -0.09 -15.45
N VAL A 209 4.51 0.69 -15.65
CA VAL A 209 3.40 0.78 -14.69
C VAL A 209 2.66 -0.55 -14.65
N PRO A 210 2.36 -1.08 -13.46
CA PRO A 210 2.16 -2.52 -13.37
C PRO A 210 1.02 -3.14 -14.18
N ALA A 211 -0.16 -3.36 -13.61
CA ALA A 211 -1.24 -3.85 -14.45
C ALA A 211 -2.60 -3.84 -13.76
N ALA A 212 -2.63 -3.44 -12.49
CA ALA A 212 -3.63 -3.97 -11.58
C ALA A 212 -4.96 -3.25 -11.74
N VAL A 213 -5.96 -3.71 -10.98
CA VAL A 213 -7.32 -3.19 -11.05
C VAL A 213 -8.03 -3.22 -9.70
N ALA A 214 -8.25 -2.05 -9.11
CA ALA A 214 -8.87 -1.90 -7.79
C ALA A 214 -10.35 -2.19 -7.85
N PRO A 215 -11.01 -2.21 -6.69
CA PRO A 215 -12.45 -2.52 -6.65
C PRO A 215 -13.37 -1.37 -7.04
N SER A 216 -13.02 -0.12 -6.73
CA SER A 216 -13.89 1.05 -6.90
C SER A 216 -14.70 1.45 -5.68
N THR A 217 -14.57 0.75 -4.56
CA THR A 217 -14.81 1.43 -3.29
C THR A 217 -13.77 0.94 -2.29
N TYR A 218 -12.52 1.03 -2.72
CA TYR A 218 -11.39 0.36 -2.10
C TYR A 218 -11.18 0.64 -0.60
N ASN A 219 -11.66 1.77 -0.08
CA ASN A 219 -11.41 2.12 1.31
C ASN A 219 -12.56 1.66 2.20
N ARG A 220 -12.33 0.62 2.98
CA ARG A 220 -13.40 -0.06 3.72
C ARG A 220 -12.80 -0.74 4.95
N THR A 221 -13.68 -1.27 5.79
CA THR A 221 -13.29 -2.24 6.81
C THR A 221 -13.23 -3.65 6.21
N GLU A 222 -12.87 -4.64 7.05
CA GLU A 222 -12.76 -6.02 6.61
C GLU A 222 -13.23 -7.03 7.64
N ALA A 223 -13.79 -6.58 8.77
CA ALA A 223 -14.38 -7.52 9.72
C ALA A 223 -15.36 -8.45 9.00
N THR A 224 -16.35 -7.86 8.33
CA THR A 224 -17.25 -8.58 7.42
C THR A 224 -16.52 -8.80 6.09
N THR A 225 -17.26 -9.02 5.00
CA THR A 225 -16.67 -9.30 3.69
C THR A 225 -15.37 -8.50 3.50
N GLN A 226 -14.38 -9.15 2.90
CA GLN A 226 -13.02 -8.64 2.80
C GLN A 226 -12.74 -8.06 1.41
N THR A 227 -11.96 -6.96 1.39
CA THR A 227 -11.56 -6.28 0.14
C THR A 227 -10.60 -7.13 -0.67
N ARG A 228 -10.84 -7.23 -1.98
CA ARG A 228 -9.91 -7.95 -2.85
C ARG A 228 -9.46 -6.99 -3.92
N VAL A 229 -8.18 -6.66 -3.87
CA VAL A 229 -7.51 -5.99 -4.96
C VAL A 229 -6.93 -7.03 -5.91
N ALA A 230 -7.20 -6.85 -7.20
CA ALA A 230 -6.62 -7.66 -8.25
C ALA A 230 -5.17 -7.22 -8.48
N TYR A 231 -4.42 -8.06 -9.18
CA TYR A 231 -2.99 -7.82 -9.40
C TYR A 231 -2.59 -8.44 -10.74
N GLY A 232 -2.41 -7.60 -11.75
CA GLY A 232 -1.97 -8.15 -13.01
C GLY A 232 -0.53 -8.55 -12.82
N GLN A 233 0.32 -8.31 -13.82
CA GLN A 233 1.73 -8.62 -13.79
C GLN A 233 2.59 -7.36 -13.47
N GLY A 234 3.91 -7.54 -13.44
CA GLY A 234 4.87 -6.43 -13.34
C GLY A 234 4.92 -5.70 -12.01
N MET A 235 4.11 -6.07 -11.03
CA MET A 235 3.98 -5.21 -9.84
C MET A 235 5.24 -5.16 -9.00
N SER A 236 6.08 -6.18 -9.11
CA SER A 236 7.35 -6.21 -8.40
C SER A 236 8.41 -5.48 -9.22
N GLU A 237 8.61 -5.86 -10.48
CA GLU A 237 9.58 -5.16 -11.33
C GLU A 237 9.42 -3.66 -11.17
N TRP A 238 8.20 -3.19 -10.82
CA TRP A 238 7.99 -1.75 -10.66
C TRP A 238 8.64 -1.24 -9.36
N CYS A 239 8.32 -1.81 -8.18
CA CYS A 239 9.13 -1.41 -7.01
C CYS A 239 10.61 -1.64 -7.27
N ALA A 240 10.92 -2.49 -8.23
CA ALA A 240 12.31 -2.75 -8.51
C ALA A 240 13.00 -1.50 -9.01
N ASN A 241 12.25 -0.46 -9.42
CA ASN A 241 12.90 0.72 -9.96
C ASN A 241 13.81 1.34 -8.94
N CYS A 242 13.30 1.47 -7.73
CA CYS A 242 14.10 2.06 -6.70
C CYS A 242 14.71 1.06 -5.74
N HIS A 243 14.34 -0.24 -5.81
CA HIS A 243 15.07 -1.34 -5.14
C HIS A 243 15.44 -2.31 -6.24
N THR A 244 16.71 -2.66 -6.34
CA THR A 244 17.08 -3.44 -7.50
C THR A 244 17.61 -4.81 -7.12
N ASP A 245 18.59 -4.83 -6.22
CA ASP A 245 19.16 -6.10 -5.80
C ASP A 245 18.08 -7.04 -5.30
N ILE A 246 17.05 -6.49 -4.64
CA ILE A 246 16.07 -7.30 -3.94
C ILE A 246 15.12 -8.06 -4.88
N HIS A 247 15.02 -7.66 -6.13
CA HIS A 247 14.23 -8.42 -7.08
C HIS A 247 14.83 -9.79 -7.32
N ASN A 248 13.98 -10.79 -7.44
CA ASN A 248 14.48 -12.14 -7.65
C ASN A 248 13.41 -12.95 -8.33
N SER A 249 13.68 -13.37 -9.57
CA SER A 249 12.80 -14.30 -10.29
C SER A 249 13.19 -15.75 -10.05
N ALA A 250 14.42 -16.15 -10.39
CA ALA A 250 14.90 -17.52 -10.22
C ALA A 250 15.47 -17.68 -8.82
N TYR A 251 14.80 -18.49 -7.98
CA TYR A 251 15.16 -18.54 -6.57
C TYR A 251 16.46 -19.30 -6.32
N PRO A 252 16.53 -20.62 -6.56
CA PRO A 252 17.71 -21.36 -6.08
C PRO A 252 19.01 -20.66 -6.46
N THR A 253 19.12 -20.17 -7.69
CA THR A 253 20.33 -19.46 -8.11
C THR A 253 20.56 -18.20 -7.27
N ASN A 254 19.55 -17.33 -7.16
CA ASN A 254 19.63 -16.11 -6.37
C ASN A 254 18.95 -16.34 -5.03
N LEU A 255 19.77 -16.45 -3.99
CA LEU A 255 19.29 -16.86 -2.68
C LEU A 255 18.65 -15.67 -2.00
N ARG A 256 17.36 -15.52 -2.24
CA ARG A 256 16.50 -14.55 -1.56
C ARG A 256 15.08 -14.85 -1.96
N HIS A 257 14.15 -14.61 -1.04
CA HIS A 257 12.80 -15.13 -1.22
C HIS A 257 12.28 -14.76 -2.62
N PRO A 258 11.75 -15.72 -3.39
CA PRO A 258 11.38 -15.38 -4.77
C PRO A 258 10.39 -14.21 -4.81
N ALA A 259 10.58 -13.28 -5.77
CA ALA A 259 9.55 -12.29 -6.05
C ALA A 259 9.66 -11.79 -7.47
N GLY A 260 8.57 -11.94 -8.24
CA GLY A 260 8.46 -11.29 -9.54
C GLY A 260 7.48 -12.04 -10.45
N ASN A 261 7.60 -11.73 -11.75
CA ASN A 261 6.87 -12.47 -12.79
C ASN A 261 7.58 -13.77 -13.11
N GLY A 262 8.90 -13.76 -13.18
CA GLY A 262 9.63 -15.00 -13.20
C GLY A 262 9.74 -15.62 -11.82
N ALA A 263 8.64 -15.79 -11.09
CA ALA A 263 8.68 -16.62 -9.88
C ALA A 263 7.31 -17.27 -9.67
N LYS A 264 7.11 -18.43 -10.30
CA LYS A 264 5.82 -19.10 -10.25
C LYS A 264 5.55 -19.63 -8.84
N PHE A 265 4.37 -20.20 -8.68
CA PHE A 265 3.82 -20.41 -7.35
C PHE A 265 4.13 -21.79 -6.83
N GLY A 266 4.20 -22.78 -7.73
CA GLY A 266 4.37 -24.16 -7.32
C GLY A 266 3.07 -24.93 -7.28
N ALA A 267 2.97 -26.03 -8.02
CA ALA A 267 1.80 -26.89 -7.95
C ALA A 267 1.51 -27.38 -6.53
N THR A 268 2.57 -27.63 -5.75
CA THR A 268 2.43 -28.08 -4.36
C THR A 268 2.06 -26.94 -3.43
N ILE A 269 2.91 -25.91 -3.42
CA ILE A 269 2.59 -24.68 -2.69
C ILE A 269 1.17 -24.25 -2.98
N ALA A 270 0.79 -24.28 -4.26
CA ALA A 270 -0.54 -23.85 -4.68
C ALA A 270 -1.62 -24.75 -4.08
N GLY A 271 -1.38 -26.06 -4.06
CA GLY A 271 -2.34 -26.94 -3.39
C GLY A 271 -2.55 -26.48 -1.97
N LEU A 272 -1.46 -26.08 -1.32
CA LEU A 272 -1.47 -25.71 0.09
C LEU A 272 -2.18 -24.38 0.33
N TYR A 273 -2.01 -23.41 -0.56
CA TYR A 273 -2.62 -22.12 -0.28
C TYR A 273 -4.11 -22.28 -0.03
N ASN A 274 -4.75 -23.24 -0.72
CA ASN A 274 -6.18 -23.45 -0.55
C ASN A 274 -6.47 -24.23 0.72
N SER A 275 -5.89 -25.43 0.82
CA SER A 275 -6.08 -26.28 1.99
C SER A 275 -6.06 -25.46 3.28
N TYR A 276 -4.93 -24.84 3.57
CA TYR A 276 -4.79 -24.11 4.82
C TYR A 276 -5.74 -22.93 4.79
N LYS A 277 -6.87 -23.04 5.47
CA LYS A 277 -7.69 -21.84 5.71
C LYS A 277 -7.25 -21.18 7.02
N LYS A 278 -7.58 -21.79 8.16
CA LYS A 278 -7.13 -21.31 9.46
C LYS A 278 -5.71 -21.85 9.75
N SER A 279 -5.25 -21.72 11.01
CA SER A 279 -4.00 -22.35 11.47
C SER A 279 -3.96 -23.87 11.55
N GLY A 280 -4.70 -24.44 12.50
CA GLY A 280 -4.70 -25.89 12.69
C GLY A 280 -5.49 -26.69 11.66
N ASP A 281 -6.13 -26.06 10.65
CA ASP A 281 -7.11 -26.69 9.74
C ASP A 281 -6.68 -26.60 8.29
N LEU A 282 -6.94 -27.66 7.54
CA LEU A 282 -6.50 -27.78 6.15
C LEU A 282 -7.65 -28.32 5.29
N THR A 283 -8.81 -27.66 5.34
CA THR A 283 -9.96 -28.11 4.56
C THR A 283 -9.76 -27.89 3.06
N GLY A 284 -9.44 -26.65 2.64
CA GLY A 284 -9.25 -26.37 1.22
C GLY A 284 -10.47 -25.83 0.52
N THR A 285 -10.68 -26.18 -0.75
CA THR A 285 -11.76 -25.63 -1.57
C THR A 285 -11.51 -24.21 -2.05
N GLN A 286 -10.68 -24.06 -3.09
CA GLN A 286 -10.38 -22.75 -3.69
C GLN A 286 -11.46 -21.68 -3.61
N ALA A 287 -12.69 -22.02 -3.98
CA ALA A 287 -13.80 -21.07 -3.92
C ALA A 287 -13.83 -20.18 -2.67
N SER A 288 -13.21 -20.63 -1.56
CA SER A 288 -13.17 -19.88 -0.29
C SER A 288 -11.82 -19.26 0.07
N ALA A 289 -10.70 -19.72 -0.52
CA ALA A 289 -9.34 -19.23 -0.25
C ALA A 289 -9.16 -17.74 -0.52
N TYR A 290 -8.94 -16.98 0.54
CA TYR A 290 -9.21 -15.55 0.48
C TYR A 290 -8.23 -14.87 -0.47
N LEU A 291 -8.38 -13.56 -0.56
CA LEU A 291 -7.31 -12.77 -1.14
C LEU A 291 -7.33 -11.36 -0.53
N SER A 292 -6.76 -11.21 0.69
CA SER A 292 -6.50 -9.89 1.27
C SER A 292 -5.13 -9.77 1.89
N LEU A 293 -4.92 -10.62 2.88
CA LEU A 293 -3.88 -10.47 3.88
C LEU A 293 -2.60 -11.11 3.43
N ALA A 294 -2.69 -11.92 2.37
CA ALA A 294 -1.53 -12.49 1.70
C ALA A 294 -1.95 -12.76 0.25
N PRO A 295 -2.02 -11.73 -0.54
CA PRO A 295 -2.52 -11.85 -1.92
C PRO A 295 -1.41 -12.29 -2.88
N PHE A 296 -1.78 -12.38 -4.14
CA PHE A 296 -0.87 -12.96 -5.11
C PHE A 296 -1.22 -12.46 -6.51
N GLU A 297 -0.20 -12.38 -7.35
CA GLU A 297 -0.47 -11.99 -8.73
C GLU A 297 -1.11 -13.13 -9.55
N GLU A 298 -1.87 -12.73 -10.59
CA GLU A 298 -2.43 -13.63 -11.60
C GLU A 298 -1.60 -13.71 -12.90
N GLY A 299 -0.69 -12.77 -13.14
CA GLY A 299 0.23 -12.82 -14.28
C GLY A 299 -0.45 -12.71 -15.63
N THR A 300 -1.28 -11.68 -15.81
CA THR A 300 -2.11 -11.58 -17.00
C THR A 300 -2.53 -10.12 -17.15
N ALA A 301 -2.09 -9.49 -18.23
CA ALA A 301 -2.43 -8.10 -18.50
C ALA A 301 -3.79 -7.94 -19.21
N ASP A 302 -4.66 -8.95 -19.21
CA ASP A 302 -5.94 -8.89 -19.93
C ASP A 302 -7.01 -8.18 -19.09
N TYR A 303 -7.08 -6.87 -19.22
CA TYR A 303 -7.87 -6.07 -18.29
C TYR A 303 -9.32 -6.47 -18.21
N THR A 304 -9.80 -7.31 -19.14
CA THR A 304 -11.19 -7.74 -19.15
C THR A 304 -11.42 -8.93 -18.23
N VAL A 305 -10.59 -9.98 -18.34
CA VAL A 305 -10.74 -11.17 -17.51
C VAL A 305 -10.24 -10.92 -16.09
N LEU A 306 -9.28 -10.01 -15.91
CA LEU A 306 -8.76 -9.71 -14.58
C LEU A 306 -9.61 -8.68 -13.88
N LYS A 307 -10.24 -7.77 -14.63
CA LYS A 307 -11.33 -7.02 -14.03
C LYS A 307 -12.43 -7.97 -13.58
N GLY A 308 -12.55 -9.13 -14.22
CA GLY A 308 -13.45 -10.18 -13.79
C GLY A 308 -13.43 -10.33 -12.28
N HIS A 309 -12.23 -10.36 -11.72
CA HIS A 309 -12.07 -10.38 -10.26
C HIS A 309 -12.21 -8.95 -9.74
N ALA A 310 -11.75 -8.71 -8.52
CA ALA A 310 -11.66 -7.36 -7.98
C ALA A 310 -13.01 -6.83 -7.50
N LYS A 311 -13.87 -7.73 -7.00
CA LYS A 311 -15.13 -7.33 -6.39
C LYS A 311 -14.91 -7.05 -4.90
N ILE A 312 -15.86 -6.35 -4.28
CA ILE A 312 -15.72 -6.04 -2.86
C ILE A 312 -16.68 -6.83 -1.99
N ASP A 313 -17.47 -7.73 -2.58
CA ASP A 313 -18.27 -8.68 -1.82
C ASP A 313 -17.65 -10.05 -2.01
N ASP A 314 -17.63 -10.86 -0.95
CA ASP A 314 -16.83 -12.07 -0.97
C ASP A 314 -17.44 -13.10 -1.90
N THR A 315 -17.45 -12.80 -3.20
CA THR A 315 -17.92 -13.76 -4.20
C THR A 315 -16.75 -14.53 -4.80
N ALA A 316 -15.83 -13.82 -5.44
CA ALA A 316 -14.68 -14.44 -6.08
C ALA A 316 -13.50 -14.37 -5.11
N LEU A 317 -13.27 -15.46 -4.39
CA LEU A 317 -12.11 -15.59 -3.51
C LEU A 317 -11.02 -16.45 -4.16
N THR A 318 -11.39 -17.62 -4.66
CA THR A 318 -10.77 -18.16 -5.86
C THR A 318 -9.24 -18.19 -5.78
N GLY A 319 -8.67 -19.13 -5.02
CA GLY A 319 -7.24 -19.21 -4.82
C GLY A 319 -6.50 -19.45 -6.13
N ALA A 320 -5.34 -20.09 -6.10
CA ALA A 320 -4.51 -20.06 -7.30
C ALA A 320 -4.05 -21.42 -7.81
N ASP A 321 -3.10 -21.37 -8.75
CA ASP A 321 -2.50 -22.56 -9.31
C ASP A 321 -1.08 -22.18 -9.70
N ALA A 322 -0.32 -23.18 -10.21
CA ALA A 322 1.16 -23.05 -10.32
C ALA A 322 1.60 -22.04 -11.38
N THR A 323 0.66 -21.27 -11.94
CA THR A 323 0.98 -20.15 -12.83
C THR A 323 1.06 -18.81 -12.09
N SER A 324 0.26 -18.64 -11.03
CA SER A 324 0.24 -17.44 -10.19
C SER A 324 1.62 -17.01 -9.68
N ASN A 325 1.98 -15.74 -9.87
CA ASN A 325 3.29 -15.26 -9.42
C ASN A 325 3.19 -14.84 -7.96
N VAL A 326 4.24 -14.19 -7.40
CA VAL A 326 4.19 -13.61 -6.05
C VAL A 326 4.96 -12.28 -5.93
N ASN A 327 4.27 -11.14 -6.04
CA ASN A 327 4.96 -9.84 -6.01
C ASN A 327 5.29 -9.42 -4.57
N CYS A 328 6.11 -8.37 -4.48
CA CYS A 328 6.50 -7.84 -3.18
C CYS A 328 5.31 -7.54 -2.28
N LEU A 329 4.15 -7.23 -2.87
CA LEU A 329 3.01 -6.80 -2.06
C LEU A 329 2.30 -7.96 -1.38
N SER A 330 2.55 -9.19 -1.84
CA SER A 330 1.96 -10.32 -1.16
C SER A 330 2.44 -10.42 0.29
N CYS A 331 3.51 -9.68 0.69
CA CYS A 331 3.95 -9.61 2.08
C CYS A 331 3.89 -8.21 2.67
N HIS A 332 4.19 -7.21 1.87
CA HIS A 332 4.30 -5.85 2.34
C HIS A 332 3.03 -5.06 1.99
N ARG A 333 3.05 -3.77 2.31
CA ARG A 333 2.01 -2.84 1.92
C ARG A 333 2.74 -1.58 1.44
N ALA A 334 2.35 -1.06 0.28
CA ALA A 334 3.06 0.07 -0.34
C ALA A 334 3.21 1.31 0.57
N HIS A 335 2.10 1.90 1.10
CA HIS A 335 2.26 3.14 1.90
C HIS A 335 2.96 2.95 3.23
N ALA A 336 2.30 2.21 4.14
CA ALA A 336 2.77 1.92 5.49
C ALA A 336 1.99 0.74 6.05
N SER A 337 2.14 0.52 7.35
CA SER A 337 1.43 -0.53 8.06
C SER A 337 1.73 -0.39 9.55
N GLY A 338 1.11 -1.26 10.35
CA GLY A 338 1.44 -1.33 11.76
C GLY A 338 2.54 -2.32 12.15
N PHE A 339 3.34 -2.83 11.22
CA PHE A 339 4.26 -3.91 11.57
C PHE A 339 5.67 -3.71 11.03
N ASP A 340 6.63 -3.91 11.92
CA ASP A 340 7.89 -3.18 11.96
C ASP A 340 8.45 -2.83 10.58
N SER A 341 8.55 -3.78 9.66
CA SER A 341 9.02 -3.39 8.32
C SER A 341 7.93 -3.27 7.29
N MET A 342 6.77 -2.75 7.68
CA MET A 342 5.61 -2.55 6.83
C MET A 342 5.27 -3.83 6.07
N THR A 343 4.87 -4.80 6.87
CA THR A 343 4.29 -6.04 6.40
C THR A 343 2.80 -6.03 6.70
N ARG A 344 2.11 -7.08 6.26
CA ARG A 344 0.69 -7.27 6.50
C ARG A 344 0.37 -8.10 7.76
N PHE A 345 1.18 -9.09 8.08
CA PHE A 345 0.96 -9.87 9.29
C PHE A 345 2.06 -9.50 10.31
N ASN A 346 2.19 -10.26 11.41
CA ASN A 346 2.70 -9.74 12.68
C ASN A 346 4.20 -10.00 12.91
N LEU A 347 4.61 -11.24 12.71
CA LEU A 347 6.03 -11.72 12.70
C LEU A 347 6.92 -11.03 13.70
N ALA A 348 6.48 -10.95 14.96
CA ALA A 348 7.32 -10.37 16.01
C ALA A 348 7.47 -11.28 17.19
N TYR A 349 6.40 -12.01 17.55
CA TYR A 349 6.32 -12.93 18.68
C TYR A 349 5.52 -14.18 18.28
N GLU A 350 5.90 -15.32 18.85
CA GLU A 350 5.45 -16.63 18.36
C GLU A 350 4.02 -16.67 17.85
N PHE A 351 3.09 -16.16 18.66
CA PHE A 351 1.67 -16.21 18.35
C PHE A 351 1.23 -14.89 17.73
N THR A 352 -0.02 -14.87 17.32
CA THR A 352 -0.71 -13.62 17.04
C THR A 352 -1.92 -13.47 17.94
N THR A 353 -2.73 -14.53 18.08
CA THR A 353 -3.95 -14.53 18.88
C THR A 353 -3.77 -15.54 20.01
N ILE A 354 -3.81 -15.03 21.24
CA ILE A 354 -3.88 -15.87 22.42
C ILE A 354 -5.29 -16.44 22.56
N ALA A 355 -5.39 -17.51 23.35
CA ALA A 355 -6.68 -18.12 23.72
C ALA A 355 -7.10 -17.53 25.05
N ASP A 356 -8.31 -16.95 25.11
CA ASP A 356 -8.63 -16.04 26.21
C ASP A 356 -8.46 -16.68 27.58
N ALA A 357 -9.41 -17.55 27.96
CA ALA A 357 -9.24 -18.46 29.08
C ALA A 357 -9.98 -19.76 28.84
N SER A 358 -10.60 -19.94 27.67
CA SER A 358 -11.58 -20.99 27.43
C SER A 358 -11.43 -21.67 26.08
N GLY A 359 -10.73 -21.06 25.13
CA GLY A 359 -11.00 -21.28 23.73
C GLY A 359 -10.89 -19.98 22.98
N ASN A 360 -12.01 -19.52 22.40
CA ASN A 360 -12.09 -18.47 21.37
C ASN A 360 -10.97 -17.45 21.49
N SER A 361 -10.30 -17.18 20.39
CA SER A 361 -9.11 -16.33 20.38
C SER A 361 -9.43 -14.93 20.90
N ILE A 362 -8.37 -14.24 21.33
CA ILE A 362 -8.37 -12.78 21.49
C ILE A 362 -6.92 -12.33 21.37
N TYR A 363 -6.72 -11.13 20.83
CA TYR A 363 -5.35 -10.64 20.62
C TYR A 363 -4.54 -10.59 21.90
N GLY A 364 -5.17 -10.77 23.06
CA GLY A 364 -4.56 -10.51 24.35
C GLY A 364 -5.18 -9.30 25.02
N THR A 365 -4.79 -9.08 26.29
CA THR A 365 -5.47 -8.09 27.11
C THR A 365 -4.58 -7.25 28.03
N ASP A 366 -3.27 -7.26 27.87
CA ASP A 366 -2.36 -6.53 28.76
C ASP A 366 -1.28 -5.81 27.95
N PRO A 367 -1.40 -4.48 27.75
CA PRO A 367 -0.45 -3.71 26.92
C PRO A 367 1.04 -3.81 27.26
N ASN A 368 1.44 -4.40 28.39
CA ASN A 368 2.86 -4.60 28.66
C ASN A 368 3.29 -6.08 28.57
N THR A 369 2.65 -6.86 27.70
CA THR A 369 3.03 -8.24 27.42
C THR A 369 3.74 -8.31 26.09
N SER A 370 4.00 -9.54 25.63
CA SER A 370 4.57 -9.73 24.31
C SER A 370 3.54 -10.11 23.27
N SER A 371 2.36 -10.57 23.70
CA SER A 371 1.27 -10.82 22.78
C SER A 371 0.87 -9.57 22.00
N LEU A 372 0.95 -8.41 22.65
CA LEU A 372 0.51 -7.14 22.09
C LEU A 372 1.66 -6.20 21.75
N GLN A 373 2.82 -6.39 22.37
CA GLN A 373 4.00 -5.53 22.19
C GLN A 373 3.65 -4.05 22.32
N GLY A 374 2.97 -3.70 23.42
CA GLY A 374 2.66 -2.31 23.71
C GLY A 374 1.60 -1.69 22.83
N ARG A 375 0.69 -2.52 22.30
CA ARG A 375 -0.33 -2.04 21.36
C ARG A 375 -1.68 -2.52 21.91
N SER A 376 -2.35 -1.64 22.68
CA SER A 376 -3.73 -1.83 23.11
C SER A 376 -4.68 -2.44 22.08
N VAL A 377 -5.65 -3.23 22.55
CA VAL A 377 -6.36 -4.18 21.69
C VAL A 377 -7.00 -3.50 20.48
N ASN A 378 -7.63 -2.36 20.70
CA ASN A 378 -8.18 -1.61 19.56
C ASN A 378 -7.09 -1.32 18.54
N GLU A 379 -5.94 -0.82 19.01
CA GLU A 379 -4.83 -0.58 18.10
C GLU A 379 -4.63 -1.76 17.17
N MET A 380 -4.30 -2.93 17.75
CA MET A 380 -3.99 -4.12 16.97
C MET A 380 -5.20 -4.77 16.28
N THR A 381 -6.43 -4.31 16.55
CA THR A 381 -7.56 -4.68 15.69
C THR A 381 -7.60 -3.85 14.42
N ALA A 382 -7.01 -2.66 14.48
CA ALA A 382 -6.83 -1.82 13.28
C ALA A 382 -5.52 -2.09 12.55
N ALA A 383 -4.52 -2.68 13.22
CA ALA A 383 -3.29 -3.06 12.51
C ALA A 383 -3.62 -4.03 11.40
N TYR A 384 -4.40 -5.06 11.70
CA TYR A 384 -5.15 -5.76 10.66
C TYR A 384 -6.36 -4.94 10.31
N TYR A 385 -6.86 -5.13 9.10
CA TYR A 385 -7.80 -4.15 8.57
C TYR A 385 -9.19 -4.32 9.20
N GLY A 386 -9.17 -4.28 10.53
CA GLY A 386 -10.35 -4.36 11.37
C GLY A 386 -11.02 -5.71 11.42
N ARG A 387 -10.25 -6.78 11.40
CA ARG A 387 -10.80 -8.13 11.47
C ARG A 387 -10.54 -8.60 12.88
N THR A 388 -11.60 -8.99 13.56
CA THR A 388 -11.50 -9.39 14.95
C THR A 388 -10.60 -10.60 15.10
N ALA A 389 -10.17 -10.85 16.33
CA ALA A 389 -9.40 -12.05 16.64
C ALA A 389 -10.31 -13.28 16.72
N ASP A 390 -11.15 -13.48 15.71
CA ASP A 390 -12.06 -14.62 15.63
C ASP A 390 -12.02 -15.27 14.28
N LYS A 391 -11.29 -14.70 13.33
CA LYS A 391 -10.92 -15.33 12.08
C LYS A 391 -9.60 -16.06 12.17
N PHE A 392 -9.20 -16.40 13.39
CA PHE A 392 -7.96 -17.09 13.66
C PHE A 392 -8.22 -18.07 14.79
N ALA A 393 -7.47 -19.18 14.81
CA ALA A 393 -7.62 -20.17 15.87
C ALA A 393 -7.26 -19.57 17.23
N PRO A 394 -7.77 -20.16 18.31
CA PRO A 394 -7.38 -19.72 19.65
C PRO A 394 -5.90 -19.47 19.88
N TYR A 395 -5.01 -20.14 19.17
CA TYR A 395 -3.61 -19.86 19.38
C TYR A 395 -2.83 -19.61 18.10
N GLN A 396 -3.50 -18.98 17.13
CA GLN A 396 -2.95 -18.73 15.79
C GLN A 396 -1.47 -18.40 15.83
N ARG A 397 -0.73 -19.05 14.96
CA ARG A 397 0.69 -18.83 14.90
C ARG A 397 0.97 -17.86 13.79
N ALA A 398 2.24 -17.77 13.40
CA ALA A 398 2.73 -16.77 12.44
C ALA A 398 1.85 -16.88 11.22
N LEU A 399 2.09 -16.07 10.18
CA LEU A 399 1.08 -16.03 9.15
C LEU A 399 1.65 -16.06 7.73
N CYS A 400 2.93 -16.41 7.56
CA CYS A 400 3.30 -16.90 6.24
C CYS A 400 2.49 -18.13 5.89
N ASN A 401 2.06 -18.87 6.91
CA ASN A 401 1.51 -20.21 6.72
C ASN A 401 0.44 -20.27 5.66
N LYS A 402 -0.22 -19.15 5.33
CA LYS A 402 -1.21 -19.26 4.27
C LYS A 402 -0.63 -19.83 2.97
N CYS A 403 0.69 -20.01 2.86
CA CYS A 403 1.35 -20.60 1.71
C CYS A 403 2.08 -21.86 2.10
N HIS A 404 2.88 -21.73 3.14
CA HIS A 404 3.74 -22.76 3.66
C HIS A 404 3.03 -23.35 4.86
N ALA A 405 2.41 -24.52 4.70
CA ALA A 405 1.47 -24.96 5.74
C ALA A 405 2.23 -25.55 6.91
N LYS A 406 3.08 -24.71 7.51
CA LYS A 406 3.92 -25.17 8.60
C LYS A 406 3.11 -25.18 9.88
N ASP A 407 1.95 -25.83 9.84
CA ASP A 407 1.09 -26.09 10.99
C ASP A 407 0.57 -27.52 10.89
FE HEC B . 2.39 21.03 -11.91
CHA HEC B . 5.70 20.44 -11.35
CHB HEC B . 3.09 22.72 -14.71
CHC HEC B . -0.99 20.68 -12.85
CHD HEC B . 1.63 19.17 -9.04
NA HEC B . 4.12 21.47 -12.90
C1A HEC B . 5.39 21.20 -12.45
C2A HEC B . 6.34 21.81 -13.34
C3A HEC B . 5.63 22.46 -14.31
C4A HEC B . 4.21 22.24 -14.03
CMA HEC B . 6.25 23.27 -15.47
CAA HEC B . 7.89 21.69 -13.13
CBA HEC B . 8.32 20.23 -13.29
CGA HEC B . 7.98 19.69 -14.66
O1A HEC B . 8.23 18.48 -14.91
O2A HEC B . 7.43 20.46 -15.50
NB HEC B . 1.26 21.57 -13.48
C1B HEC B . 1.77 22.33 -14.51
C2B HEC B . 0.66 22.63 -15.38
C3B HEC B . -0.44 22.12 -14.86
C4B HEC B . -0.11 21.38 -13.67
CMB HEC B . 0.69 23.48 -16.66
CAB HEC B . -1.82 22.17 -15.53
CBB HEC B . -1.84 22.00 -16.87
NC HEC B . 0.63 20.07 -11.12
C1C HEC B . -0.65 20.13 -11.63
C2C HEC B . -1.53 19.51 -10.66
C3C HEC B . -0.79 19.13 -9.60
C4C HEC B . 0.58 19.44 -9.88
CMC HEC B . -3.06 19.39 -10.88
CAC HEC B . -1.13 18.37 -8.33
CBC HEC B . -2.16 17.53 -8.34
ND HEC B . 3.45 19.97 -10.50
C1D HEC B . 2.95 19.36 -9.37
C2D HEC B . 4.07 18.93 -8.58
C3D HEC B . 5.17 19.25 -9.20
C4D HEC B . 4.81 19.93 -10.44
CMD HEC B . 4.07 18.19 -7.26
CAD HEC B . 6.55 18.92 -8.63
CBD HEC B . 7.18 17.87 -9.54
CGD HEC B . 8.52 17.50 -8.95
O1D HEC B . 8.71 17.70 -7.70
O2D HEC B . 9.36 17.03 -9.77
FE HEC C . -5.50 12.87 -5.50
CHA HEC C . -7.48 10.40 -6.42
CHB HEC C . -2.76 10.83 -5.61
CHC HEC C . -3.32 15.61 -4.97
CHD HEC C . -8.06 14.83 -4.60
NA HEC C . -5.18 10.94 -5.88
C1A HEC C . -6.15 10.10 -6.35
C2A HEC C . -5.53 8.87 -6.77
C3A HEC C . -4.23 8.95 -6.55
C4A HEC C . -3.97 10.26 -5.99
CMA HEC C . -3.20 7.85 -6.86
CAA HEC C . -6.27 7.69 -7.39
CBA HEC C . -6.90 8.20 -8.68
CGA HEC C . -6.86 7.20 -9.82
O1A HEC C . -7.82 7.21 -10.65
O2A HEC C . -5.89 6.41 -9.91
NB HEC C . -3.43 13.15 -5.30
C1B HEC C . -2.48 12.17 -5.45
C2B HEC C . -1.19 12.81 -5.40
C3B HEC C . -1.40 14.08 -5.19
C4B HEC C . -2.78 14.35 -5.17
CMB HEC C . 0.18 12.15 -5.52
CAB HEC C . -0.35 15.17 -5.15
CBB HEC C . 0.60 15.03 -6.07
NC HEC C . -5.63 14.87 -4.80
C1C HEC C . -4.66 15.86 -4.74
C2C HEC C . -5.32 17.10 -4.39
C3C HEC C . -6.62 16.84 -4.28
C4C HEC C . -6.84 15.45 -4.58
CMC HEC C . -4.66 18.46 -4.16
CAC HEC C . -7.80 17.77 -4.00
CBC HEC C . -7.69 18.99 -4.52
ND HEC C . -7.39 12.64 -5.46
C1D HEC C . -8.32 13.61 -5.17
C2D HEC C . -9.62 13.10 -5.53
C3D HEC C . -9.46 11.90 -6.02
C4D HEC C . -8.06 11.57 -6.00
CMD HEC C . -10.99 13.78 -5.40
CAD HEC C . -10.65 11.09 -6.54
CBD HEC C . -11.15 11.82 -7.79
CGD HEC C . -10.28 11.59 -9.01
O1D HEC C . -9.29 10.82 -8.92
O2D HEC C . -10.60 12.16 -10.08
FE HEC D . 0.65 6.40 -2.91
CHA HEC D . -1.73 4.11 -3.46
CHB HEC D . -1.66 8.86 -2.78
CHC HEC D . 2.93 8.35 -1.31
CHD HEC D . 3.15 4.19 -3.84
NA HEC D . -1.38 6.47 -3.09
C1A HEC D . -2.22 5.39 -3.28
C2A HEC D . -3.59 5.88 -3.35
C3A HEC D . -3.53 7.20 -3.16
C4A HEC D . -2.16 7.59 -3.00
CMA HEC D . -4.76 8.15 -3.13
CAA HEC D . -4.88 5.09 -3.58
CBA HEC D . -4.71 3.58 -3.43
CGA HEC D . -4.55 3.28 -1.96
O1A HEC D . -4.37 4.26 -1.22
O2A HEC D . -4.61 2.10 -1.55
NB HEC D . 0.65 8.30 -2.23
C1B HEC D . -0.46 9.11 -2.17
C2B HEC D . -0.13 10.29 -1.42
C3B HEC D . 1.15 10.18 -1.04
C4B HEC D . 1.66 8.90 -1.51
CMB HEC D . -1.15 11.43 -1.22
CAB HEC D . 2.00 11.10 -0.14
CBB HEC D . 1.49 11.73 0.89
NC HEC D . 2.65 6.26 -2.61
C1C HEC D . 3.38 7.22 -1.93
C2C HEC D . 4.75 6.80 -2.01
C3C HEC D . 4.87 5.66 -2.70
C4C HEC D . 3.53 5.29 -3.10
CMC HEC D . 5.89 7.58 -1.37
CAC HEC D . 6.17 4.88 -2.92
CBC HEC D . 6.13 3.90 -3.82
ND HEC D . 0.73 4.47 -3.46
C1D HEC D . 1.82 3.80 -3.98
C2D HEC D . 1.31 2.63 -4.65
C3D HEC D . -0.01 2.65 -4.56
C4D HEC D . -0.42 3.79 -3.80
CMD HEC D . 2.15 1.54 -5.36
CAD HEC D . -0.96 1.59 -5.09
CBD HEC D . -0.61 0.42 -4.23
CGD HEC D . -1.85 -0.41 -4.01
O1D HEC D . -1.82 -1.38 -3.20
O2D HEC D . -2.89 -0.08 -4.65
FE HEC E . 10.41 1.42 -0.70
CHA HEC E . 12.23 1.63 2.19
CHB HEC E . 9.02 -1.55 0.28
CHC HEC E . 8.98 1.18 -3.70
CHD HEC E . 12.22 4.33 -1.88
NA HEC E . 10.68 0.18 0.88
C1A HEC E . 11.40 0.54 2.00
C2A HEC E . 11.11 -0.46 2.99
C3A HEC E . 10.23 -1.33 2.52
C4A HEC E . 9.93 -0.94 1.15
CMA HEC E . 9.66 -2.53 3.30
CAA HEC E . 11.67 -0.41 4.41
CBA HEC E . 10.90 0.81 4.89
CGA HEC E . 11.31 1.18 6.28
O1A HEC E . 10.64 2.08 6.90
O2A HEC E . 12.30 0.57 6.75
NB HEC E . 9.20 0.03 -1.55
C1B HEC E . 8.62 -1.08 -0.96
C2B HEC E . 7.69 -1.65 -1.93
C3B HEC E . 7.74 -0.88 -3.00
C4B HEC E . 8.66 0.20 -2.79
CMB HEC E . 6.75 -2.87 -1.84
CAB HEC E . 6.79 -1.02 -4.19
CBB HEC E . 5.49 -1.15 -3.91
NC HEC E . 10.63 2.53 -2.48
C1C HEC E . 9.87 2.21 -3.58
C2C HEC E . 10.13 3.19 -4.58
C3C HEC E . 11.02 4.05 -4.08
C4C HEC E . 11.35 3.67 -2.74
CMC HEC E . 9.49 3.17 -5.98
CAC HEC E . 11.62 5.29 -4.77
CBC HEC E . 11.06 5.82 -5.87
ND HEC E . 11.97 2.72 0.00
C1D HEC E . 12.49 3.86 -0.61
C2D HEC E . 13.32 4.50 0.36
C3D HEC E . 13.32 3.77 1.46
C4D HEC E . 12.45 2.64 1.29
CMD HEC E . 14.12 5.80 0.17
CAD HEC E . 14.06 4.21 2.71
CBD HEC E . 13.12 5.33 3.17
CGD HEC E . 12.44 4.98 4.47
O1D HEC E . 12.96 4.12 5.21
O2D HEC E . 11.38 5.53 4.87
FE HEC F . 10.66 -7.61 1.35
CHA HEC F . 12.37 -6.36 4.15
CHB HEC F . 11.45 -4.53 -0.21
CHC HEC F . 9.45 -8.82 -1.65
CHD HEC F . 9.41 -10.02 3.12
NA HEC F . 11.73 -5.80 1.82
C1A HEC F . 12.34 -5.58 3.04
C2A HEC F . 12.95 -4.31 3.01
C3A HEC F . 12.70 -3.73 1.82
C4A HEC F . 11.94 -4.68 1.04
CMA HEC F . 13.11 -2.34 1.33
CAA HEC F . 13.67 -3.85 4.26
CBA HEC F . 15.05 -3.37 3.93
CGA HEC F . 15.70 -3.27 5.27
O1A HEC F . 16.92 -3.56 5.47
O2A HEC F . 14.90 -2.93 6.17
NB HEC F . 10.35 -6.76 -0.49
C1B HEC F . 10.94 -5.58 -0.91
C2B HEC F . 11.00 -5.64 -2.34
C3B HEC F . 10.48 -6.78 -2.72
C4B HEC F . 10.03 -7.55 -1.59
CMB HEC F . 11.58 -4.52 -3.21
CAB HEC F . 10.31 -7.23 -4.15
CBB HEC F . 11.30 -6.83 -4.94
NC HEC F . 9.62 -9.19 0.74
C1C HEC F . 9.15 -9.54 -0.51
C2C HEC F . 8.37 -10.76 -0.28
C3C HEC F . 8.33 -10.99 1.01
C4C HEC F . 9.14 -10.03 1.73
CMC HEC F . 7.61 -11.68 -1.24
CAC HEC F . 7.65 -12.20 1.63
CBC HEC F . 7.56 -12.15 2.98
ND HEC F . 10.92 -8.15 3.32
C1D HEC F . 10.18 -9.16 3.89
C2D HEC F . 10.32 -9.06 5.33
C3D HEC F . 11.12 -8.02 5.60
C4D HEC F . 11.51 -7.42 4.34
CMD HEC F . 9.68 -9.92 6.40
CAD HEC F . 11.65 -7.46 6.95
CBD HEC F . 12.10 -8.44 8.04
CGD HEC F . 13.24 -9.39 7.69
O1D HEC F . 13.62 -10.15 8.61
O2D HEC F . 13.81 -9.42 6.57
FE HEC G . 7.65 -18.52 0.85
CHA HEC G . 9.80 -19.79 -1.38
CHB HEC G . 9.88 -18.88 3.40
CHC HEC G . 5.74 -16.26 2.73
CHD HEC G . 5.32 -18.15 -1.78
NA HEC G . 9.54 -19.15 0.98
C1A HEC G . 10.15 -19.84 -0.05
C2A HEC G . 11.23 -20.60 0.55
C3A HEC G . 11.28 -20.34 1.86
C4A HEC G . 10.22 -19.42 2.17
CMA HEC G . 12.27 -20.92 2.87
CAA HEC G . 12.18 -21.51 -0.28
CBA HEC G . 12.30 -22.84 0.47
CGA HEC G . 12.38 -23.95 -0.52
O1A HEC G . 12.90 -23.68 -1.63
O2A HEC G . 11.96 -25.11 -0.25
NB HEC G . 7.72 -17.78 2.72
C1B HEC G . 8.82 -18.00 3.55
C2B HEC G . 8.67 -17.11 4.66
C3B HEC G . 7.55 -16.39 4.53
C4B HEC G . 6.92 -16.77 3.27
CMB HEC G . 9.70 -17.06 5.77
CAB HEC G . 7.06 -15.29 5.49
CBB HEC G . 7.97 -14.63 6.21
NC HEC G . 5.93 -17.40 0.52
C1C HEC G . 5.26 -16.66 1.50
C2C HEC G . 3.95 -16.40 0.98
C3C HEC G . 3.83 -16.93 -0.25
C4C HEC G . 5.07 -17.56 -0.56
CMC HEC G . 2.89 -15.61 1.78
CAC HEC G . 2.68 -16.88 -1.27
CBC HEC G . 1.70 -16.00 -1.01
ND HEC G . 7.62 -18.72 -1.26
C1D HEC G . 6.48 -18.79 -2.03
C2D HEC G . 6.73 -19.64 -3.14
C3D HEC G . 7.96 -20.12 -3.01
C4D HEC G . 8.55 -19.54 -1.84
CMD HEC G . 5.68 -19.98 -4.22
CAD HEC G . 8.66 -21.11 -3.96
CBD HEC G . 10.13 -21.43 -3.72
CGD HEC G . 10.31 -22.66 -4.58
O1D HEC G . 9.46 -23.56 -4.38
O2D HEC G . 11.25 -22.71 -5.46
MG MG H . 11.06 4.22 7.03
#